data_1OHU
#
_entry.id   1OHU
#
_cell.length_a   46.790
_cell.length_b   92.050
_cell.length_c   47.640
_cell.angle_alpha   90.00
_cell.angle_beta   99.78
_cell.angle_gamma   90.00
#
_symmetry.space_group_name_H-M   'P 1 21 1'
#
loop_
_entity.id
_entity.type
_entity.pdbx_description
1 polymer 'APOPTOSIS REGULATOR CED-9'
2 water water
#
_entity_poly.entity_id   1
_entity_poly.type   'polypeptide(L)'
_entity_poly.pdbx_seq_one_letter_code
;GKINDWEEPRLDIEGFVVDYFTHRIRQNG(MSE)EWFGAPGLPSGVQPEHE(MSE)(MSE)RV(MSE)GTIFEKKHAENF
ETFSEQLLAVPRISFSLYQDVVRTVGNAQTDQSP(MSE)SYGRLIGLISFGGFVAAK(MSE)(MSE)ESVELQGQVRNLF
VYTSLFIKTRIRNNWKEHNRSWDDF(MSE)TLGKQ(MSE)KEDYERAEAEK
;
_entity_poly.pdbx_strand_id   A,B
#
# COMPACT_ATOMS: atom_id res chain seq x y z
N ASN A 4 19.78 2.55 0.22
CA ASN A 4 18.52 2.60 1.01
C ASN A 4 18.33 3.96 1.66
N ASP A 5 18.07 4.99 0.85
CA ASP A 5 17.86 6.34 1.37
C ASP A 5 16.40 6.75 1.15
N TRP A 6 15.74 6.10 0.21
CA TRP A 6 14.34 6.38 -0.09
C TRP A 6 13.51 5.81 1.06
N GLU A 7 14.21 5.17 1.99
CA GLU A 7 13.59 4.56 3.17
C GLU A 7 13.48 5.56 4.31
N GLU A 8 14.20 6.67 4.21
CA GLU A 8 14.14 7.71 5.23
C GLU A 8 12.72 8.23 5.31
N PRO A 9 12.23 8.55 6.51
CA PRO A 9 10.87 9.07 6.67
C PRO A 9 10.76 10.45 6.02
N ARG A 10 11.90 11.12 5.94
CA ARG A 10 12.00 12.46 5.36
C ARG A 10 11.67 12.44 3.86
N LEU A 11 11.93 11.31 3.21
CA LEU A 11 11.68 11.19 1.78
C LEU A 11 10.54 10.24 1.41
N ASP A 12 9.63 9.97 2.34
CA ASP A 12 8.52 9.09 2.02
C ASP A 12 7.87 9.58 0.74
N ILE A 13 7.51 8.65 -0.12
CA ILE A 13 6.88 8.99 -1.38
C ILE A 13 5.65 9.89 -1.21
N GLU A 14 4.85 9.65 -0.17
CA GLU A 14 3.67 10.47 0.06
C GLU A 14 3.99 11.94 0.10
N GLY A 15 5.14 12.27 0.68
CA GLY A 15 5.55 13.67 0.78
C GLY A 15 5.69 14.33 -0.57
N PHE A 16 6.25 13.61 -1.53
CA PHE A 16 6.43 14.18 -2.87
C PHE A 16 5.08 14.31 -3.57
N VAL A 17 4.25 13.28 -3.47
CA VAL A 17 2.95 13.29 -4.13
C VAL A 17 2.08 14.42 -3.57
N VAL A 18 2.00 14.53 -2.26
CA VAL A 18 1.21 15.58 -1.63
C VAL A 18 1.71 16.97 -1.98
N ASP A 19 3.03 17.18 -1.83
CA ASP A 19 3.59 18.48 -2.13
C ASP A 19 3.43 18.86 -3.59
N TYR A 20 3.53 17.88 -4.48
CA TYR A 20 3.41 18.19 -5.89
C TYR A 20 1.94 18.45 -6.25
N PHE A 21 1.04 17.63 -5.74
CA PHE A 21 -0.38 17.80 -6.00
C PHE A 21 -0.79 19.20 -5.53
N THR A 22 -0.43 19.53 -4.30
CA THR A 22 -0.75 20.84 -3.74
C THR A 22 -0.25 21.98 -4.62
N HIS A 23 1.00 21.87 -5.07
CA HIS A 23 1.62 22.88 -5.91
C HIS A 23 0.99 22.98 -7.29
N ARG A 24 0.73 21.84 -7.93
CA ARG A 24 0.14 21.87 -9.25
C ARG A 24 -1.29 22.42 -9.21
N ILE A 25 -2.03 22.09 -8.16
CA ILE A 25 -3.39 22.57 -8.01
C ILE A 25 -3.39 24.08 -7.76
N ARG A 26 -2.44 24.56 -6.95
CA ARG A 26 -2.35 25.98 -6.66
C ARG A 26 -1.91 26.72 -7.94
N GLN A 27 -1.15 26.03 -8.77
CA GLN A 27 -0.67 26.60 -10.03
C GLN A 27 -1.87 26.89 -10.92
N ASN A 28 -2.96 26.16 -10.69
CA ASN A 28 -4.17 26.35 -11.45
C ASN A 28 -5.11 27.28 -10.70
N GLY A 29 -4.55 28.03 -9.75
CA GLY A 29 -5.34 28.97 -8.97
C GLY A 29 -6.29 28.36 -7.94
N MSE A 30 -6.18 27.05 -7.72
CA MSE A 30 -7.06 26.39 -6.75
C MSE A 30 -6.34 25.93 -5.48
O MSE A 30 -5.11 26.03 -5.39
CB MSE A 30 -7.79 25.23 -7.43
CG MSE A 30 -8.77 25.72 -8.52
SE MSE A 30 -9.37 24.30 -9.68
CE MSE A 30 -10.31 25.32 -11.01
N GLU A 31 -7.09 25.44 -4.50
CA GLU A 31 -6.52 25.04 -3.23
C GLU A 31 -7.07 23.69 -2.79
N TRP A 32 -6.18 22.72 -2.62
CA TRP A 32 -6.57 21.37 -2.20
C TRP A 32 -6.80 21.34 -0.71
N PHE A 33 -8.05 21.57 -0.31
CA PHE A 33 -8.41 21.59 1.10
C PHE A 33 -8.19 20.28 1.83
N GLY A 34 -8.31 19.17 1.10
CA GLY A 34 -8.13 17.87 1.72
C GLY A 34 -6.69 17.37 1.74
N ALA A 35 -5.74 18.21 1.33
CA ALA A 35 -4.34 17.81 1.30
C ALA A 35 -3.83 17.27 2.65
N PRO A 36 -3.18 16.10 2.64
CA PRO A 36 -2.67 15.56 3.92
C PRO A 36 -1.45 16.36 4.39
N GLY A 37 -1.17 16.32 5.69
CA GLY A 37 -0.05 17.06 6.21
C GLY A 37 1.29 16.55 5.73
N LEU A 38 2.33 17.37 5.90
CA LEU A 38 3.68 17.02 5.50
C LEU A 38 4.48 17.01 6.80
N PRO A 39 4.58 15.85 7.45
CA PRO A 39 5.30 15.68 8.72
C PRO A 39 6.62 16.44 8.90
N SER A 40 7.49 16.41 7.88
CA SER A 40 8.75 17.12 7.98
C SER A 40 8.72 18.44 7.22
N GLY A 41 7.56 18.76 6.66
CA GLY A 41 7.43 19.98 5.90
C GLY A 41 8.07 19.82 4.54
N VAL A 42 8.06 20.89 3.75
CA VAL A 42 8.66 20.85 2.42
C VAL A 42 10.14 20.50 2.47
N GLN A 43 10.52 19.52 1.64
CA GLN A 43 11.91 19.09 1.55
C GLN A 43 12.50 19.62 0.26
N PRO A 44 13.81 19.87 0.24
CA PRO A 44 14.42 20.38 -0.99
C PRO A 44 14.19 19.43 -2.17
N GLU A 45 14.05 18.14 -1.88
CA GLU A 45 13.79 17.17 -2.92
C GLU A 45 12.38 17.37 -3.49
N HIS A 46 11.51 17.97 -2.70
CA HIS A 46 10.14 18.26 -3.13
C HIS A 46 10.22 19.41 -4.13
N GLU A 47 10.96 20.44 -3.74
CA GLU A 47 11.12 21.62 -4.58
C GLU A 47 11.80 21.29 -5.90
N MSE A 48 12.55 20.20 -5.93
CA MSE A 48 13.21 19.78 -7.16
C MSE A 48 12.21 18.97 -7.98
O MSE A 48 12.33 18.90 -9.19
CB MSE A 48 14.45 18.93 -6.84
CG MSE A 48 15.17 18.37 -8.08
SE MSE A 48 15.84 19.71 -9.35
CE MSE A 48 15.81 21.29 -8.24
N MSE A 49 11.25 18.38 -7.28
CA MSE A 49 10.21 17.59 -7.96
C MSE A 49 9.19 18.51 -8.61
O MSE A 49 8.53 18.13 -9.58
CB MSE A 49 9.53 16.64 -6.97
CG MSE A 49 8.44 15.77 -7.59
SE MSE A 49 9.06 14.62 -9.03
CE MSE A 49 9.90 13.24 -7.98
N ARG A 50 9.05 19.72 -8.06
CA ARG A 50 8.12 20.68 -8.60
C ARG A 50 8.59 21.16 -9.96
N VAL A 51 9.90 21.39 -10.08
CA VAL A 51 10.47 21.83 -11.35
C VAL A 51 10.42 20.72 -12.37
N MSE A 52 10.86 19.53 -11.96
CA MSE A 52 10.88 18.37 -12.83
C MSE A 52 9.48 18.04 -13.38
O MSE A 52 9.35 17.65 -14.54
CB MSE A 52 11.44 17.17 -12.07
CG MSE A 52 12.91 17.36 -11.67
SE MSE A 52 14.10 17.42 -13.21
CE MSE A 52 14.96 15.72 -12.95
N GLY A 53 8.46 18.21 -12.54
CA GLY A 53 7.10 17.94 -12.97
C GLY A 53 6.60 18.98 -13.94
N THR A 54 6.95 20.24 -13.69
CA THR A 54 6.55 21.33 -14.57
C THR A 54 7.20 21.13 -15.93
N ILE A 55 8.49 20.80 -15.91
CA ILE A 55 9.22 20.56 -17.14
C ILE A 55 8.65 19.36 -17.89
N PHE A 56 8.38 18.29 -17.16
CA PHE A 56 7.85 17.08 -17.78
C PHE A 56 6.48 17.32 -18.40
N GLU A 57 5.62 18.05 -17.69
CA GLU A 57 4.29 18.33 -18.19
C GLU A 57 4.36 19.10 -19.50
N LYS A 58 5.21 20.13 -19.53
CA LYS A 58 5.35 20.94 -20.72
C LYS A 58 5.80 20.12 -21.92
N LYS A 59 6.62 19.10 -21.66
CA LYS A 59 7.11 18.25 -22.73
C LYS A 59 6.09 17.23 -23.21
N HIS A 60 5.27 16.73 -22.28
CA HIS A 60 4.28 15.72 -22.61
C HIS A 60 2.83 16.16 -22.43
N ALA A 61 2.60 17.46 -22.53
CA ALA A 61 1.28 18.03 -22.35
C ALA A 61 0.20 17.33 -23.18
N GLU A 62 0.43 17.21 -24.48
CA GLU A 62 -0.55 16.58 -25.36
C GLU A 62 -0.89 15.14 -24.95
N ASN A 63 0.13 14.34 -24.66
CA ASN A 63 -0.15 12.97 -24.25
C ASN A 63 -0.82 12.99 -22.89
N PHE A 64 -0.54 14.02 -22.11
CA PHE A 64 -1.15 14.15 -20.80
C PHE A 64 -2.64 14.40 -20.94
N GLU A 65 -3.04 15.20 -21.93
CA GLU A 65 -4.45 15.48 -22.12
C GLU A 65 -5.19 14.18 -22.42
N THR A 66 -4.59 13.35 -23.26
CA THR A 66 -5.19 12.06 -23.64
C THR A 66 -5.35 11.11 -22.46
N PHE A 67 -4.26 10.90 -21.73
CA PHE A 67 -4.29 10.00 -20.58
C PHE A 67 -5.29 10.42 -19.51
N SER A 68 -5.42 11.72 -19.26
CA SER A 68 -6.34 12.16 -18.24
C SER A 68 -7.78 11.98 -18.73
N GLU A 69 -7.99 12.11 -20.03
CA GLU A 69 -9.33 11.90 -20.56
C GLU A 69 -9.65 10.42 -20.47
N GLN A 70 -8.62 9.58 -20.51
CA GLN A 70 -8.81 8.13 -20.40
C GLN A 70 -9.13 7.79 -18.94
N LEU A 71 -8.33 8.37 -18.05
CA LEU A 71 -8.49 8.14 -16.62
C LEU A 71 -9.85 8.63 -16.12
N LEU A 72 -10.34 9.70 -16.72
CA LEU A 72 -11.62 10.29 -16.32
C LEU A 72 -12.80 9.79 -17.14
N ALA A 73 -12.57 8.80 -18.00
CA ALA A 73 -13.63 8.24 -18.83
C ALA A 73 -14.72 7.63 -17.95
N VAL A 74 -14.31 7.09 -16.80
CA VAL A 74 -15.23 6.49 -15.83
C VAL A 74 -15.30 7.41 -14.61
N PRO A 75 -16.51 7.77 -14.18
CA PRO A 75 -16.71 8.65 -13.03
C PRO A 75 -15.90 8.26 -11.78
N ARG A 76 -15.98 6.98 -11.39
CA ARG A 76 -15.25 6.50 -10.22
C ARG A 76 -13.99 5.78 -10.70
N ILE A 77 -12.84 6.36 -10.38
CA ILE A 77 -11.56 5.82 -10.77
C ILE A 77 -11.14 4.65 -9.89
N SER A 78 -10.73 3.55 -10.51
CA SER A 78 -10.30 2.39 -9.75
C SER A 78 -8.79 2.23 -9.90
N PHE A 79 -8.17 1.51 -8.98
CA PHE A 79 -6.74 1.31 -9.02
C PHE A 79 -6.35 0.57 -10.29
N SER A 80 -7.19 -0.37 -10.72
CA SER A 80 -6.92 -1.12 -11.93
C SER A 80 -6.90 -0.19 -13.13
N LEU A 81 -7.97 0.59 -13.30
CA LEU A 81 -8.05 1.53 -14.41
C LEU A 81 -6.84 2.47 -14.35
N TYR A 82 -6.51 2.94 -13.15
CA TYR A 82 -5.37 3.83 -12.99
C TYR A 82 -4.11 3.21 -13.58
N GLN A 83 -3.90 1.94 -13.28
CA GLN A 83 -2.74 1.22 -13.78
C GLN A 83 -2.74 1.02 -15.29
N ASP A 84 -3.93 0.87 -15.88
CA ASP A 84 -4.02 0.70 -17.33
C ASP A 84 -3.65 2.00 -18.04
N VAL A 85 -4.11 3.12 -17.49
CA VAL A 85 -3.87 4.44 -18.08
C VAL A 85 -2.45 4.95 -17.94
N VAL A 86 -1.84 4.63 -16.81
CA VAL A 86 -0.50 5.06 -16.44
C VAL A 86 0.64 4.13 -16.87
N ARG A 87 0.27 2.95 -17.37
CA ARG A 87 1.24 1.95 -17.79
C ARG A 87 2.44 2.50 -18.59
N THR A 88 2.18 3.36 -19.57
CA THR A 88 3.26 3.89 -20.41
C THR A 88 3.77 5.30 -20.08
N VAL A 89 3.27 5.90 -19.01
CA VAL A 89 3.72 7.24 -18.63
C VAL A 89 5.23 7.19 -18.39
N GLY A 90 5.96 8.12 -19.00
CA GLY A 90 7.40 8.14 -18.85
C GLY A 90 8.04 7.04 -19.70
N ASN A 91 7.67 7.01 -20.98
CA ASN A 91 8.19 6.03 -21.92
C ASN A 91 9.72 6.00 -21.92
N PRO A 98 10.31 -1.67 -12.86
CA PRO A 98 10.70 -0.53 -13.70
C PRO A 98 10.25 0.81 -13.11
N MSE A 99 11.18 1.53 -12.51
CA MSE A 99 10.87 2.83 -11.92
C MSE A 99 12.02 3.80 -12.06
O MSE A 99 12.69 4.14 -11.08
CB MSE A 99 10.50 2.67 -10.43
CG MSE A 99 10.08 3.97 -9.73
SE MSE A 99 8.67 4.95 -10.66
CE MSE A 99 7.18 3.83 -10.19
N SER A 100 12.27 4.23 -13.29
CA SER A 100 13.34 5.18 -13.58
C SER A 100 12.89 6.56 -13.13
N TYR A 101 13.82 7.51 -13.10
CA TYR A 101 13.51 8.88 -12.70
C TYR A 101 12.49 9.46 -13.68
N GLY A 102 12.58 9.05 -14.93
CA GLY A 102 11.67 9.53 -15.95
C GLY A 102 10.24 9.09 -15.69
N ARG A 103 10.07 7.81 -15.34
CA ARG A 103 8.74 7.28 -15.06
C ARG A 103 8.26 7.87 -13.74
N LEU A 104 9.18 8.03 -12.79
CA LEU A 104 8.86 8.59 -11.49
C LEU A 104 8.27 9.98 -11.64
N ILE A 105 9.03 10.85 -12.28
CA ILE A 105 8.64 12.23 -12.52
C ILE A 105 7.35 12.32 -13.31
N GLY A 106 7.23 11.47 -14.32
CA GLY A 106 6.05 11.47 -15.16
C GLY A 106 4.79 11.07 -14.39
N LEU A 107 4.92 10.09 -13.51
CA LEU A 107 3.78 9.63 -12.71
C LEU A 107 3.28 10.72 -11.76
N ILE A 108 4.21 11.38 -11.09
CA ILE A 108 3.85 12.45 -10.16
C ILE A 108 3.30 13.64 -10.95
N SER A 109 3.99 14.00 -12.04
CA SER A 109 3.58 15.11 -12.88
C SER A 109 2.16 14.88 -13.41
N PHE A 110 1.92 13.68 -13.91
CA PHE A 110 0.61 13.33 -14.45
C PHE A 110 -0.45 13.37 -13.35
N GLY A 111 -0.10 12.85 -12.18
CA GLY A 111 -1.03 12.85 -11.06
C GLY A 111 -1.41 14.27 -10.70
N GLY A 112 -0.42 15.14 -10.59
CA GLY A 112 -0.70 16.53 -10.26
C GLY A 112 -1.56 17.17 -11.33
N PHE A 113 -1.25 16.85 -12.58
CA PHE A 113 -1.97 17.38 -13.73
C PHE A 113 -3.46 17.01 -13.68
N VAL A 114 -3.74 15.73 -13.46
CA VAL A 114 -5.12 15.25 -13.39
C VAL A 114 -5.85 15.81 -12.17
N ALA A 115 -5.16 15.83 -11.03
CA ALA A 115 -5.76 16.36 -9.82
C ALA A 115 -6.26 17.78 -10.07
N ALA A 116 -5.44 18.59 -10.73
CA ALA A 116 -5.83 19.96 -11.04
C ALA A 116 -7.07 20.03 -11.93
N LYS A 117 -7.28 19.01 -12.76
CA LYS A 117 -8.46 18.98 -13.63
C LYS A 117 -9.68 18.54 -12.84
N MSE A 118 -9.46 17.77 -11.78
CA MSE A 118 -10.53 17.26 -10.92
C MSE A 118 -10.99 18.25 -9.86
O MSE A 118 -12.12 18.20 -9.39
CB MSE A 118 -10.08 15.97 -10.25
CG MSE A 118 -9.67 14.86 -11.20
SE MSE A 118 -8.83 13.39 -10.28
CE MSE A 118 -10.41 12.35 -9.94
N MSE A 119 -10.08 19.14 -9.47
CA MSE A 119 -10.42 20.14 -8.47
C MSE A 119 -11.57 21.03 -8.92
O MSE A 119 -11.67 21.44 -10.07
CB MSE A 119 -9.20 20.99 -8.14
CG MSE A 119 -8.16 20.30 -7.29
SE MSE A 119 -8.74 20.10 -5.47
CE MSE A 119 -7.71 18.61 -4.96
N GLU A 120 -12.46 21.32 -7.96
CA GLU A 120 -13.62 22.17 -8.15
C GLU A 120 -14.67 21.59 -9.09
N SER A 121 -14.62 20.27 -9.24
CA SER A 121 -15.58 19.54 -10.05
C SER A 121 -16.43 18.78 -9.03
N VAL A 122 -17.69 19.13 -8.94
CA VAL A 122 -18.61 18.50 -8.01
C VAL A 122 -18.49 16.98 -8.00
N GLU A 123 -18.47 16.38 -9.18
CA GLU A 123 -18.39 14.94 -9.30
C GLU A 123 -17.00 14.34 -9.17
N LEU A 124 -15.98 15.07 -9.57
CA LEU A 124 -14.58 14.58 -9.53
C LEU A 124 -13.70 14.96 -8.34
N GLN A 125 -13.93 16.13 -7.75
CA GLN A 125 -13.10 16.58 -6.63
C GLN A 125 -12.90 15.54 -5.55
N GLY A 126 -13.93 14.74 -5.28
CA GLY A 126 -13.82 13.72 -4.26
C GLY A 126 -12.89 12.56 -4.54
N GLN A 127 -12.24 12.55 -5.70
CA GLN A 127 -11.34 11.44 -5.99
C GLN A 127 -9.89 11.83 -6.10
N VAL A 128 -9.60 13.08 -5.77
CA VAL A 128 -8.23 13.55 -5.79
C VAL A 128 -7.44 12.77 -4.74
N ARG A 129 -8.07 12.46 -3.60
CA ARG A 129 -7.38 11.72 -2.55
C ARG A 129 -6.99 10.33 -3.05
N ASN A 130 -7.92 9.63 -3.67
CA ASN A 130 -7.65 8.31 -4.21
C ASN A 130 -6.52 8.38 -5.24
N LEU A 131 -6.51 9.44 -6.06
CA LEU A 131 -5.46 9.61 -7.08
C LEU A 131 -4.12 9.70 -6.35
N PHE A 132 -4.10 10.45 -5.26
CA PHE A 132 -2.89 10.62 -4.46
C PHE A 132 -2.39 9.26 -3.96
N VAL A 133 -3.28 8.45 -3.40
CA VAL A 133 -2.91 7.14 -2.89
C VAL A 133 -2.41 6.20 -4.00
N TYR A 134 -3.17 6.09 -5.08
CA TYR A 134 -2.77 5.23 -6.20
C TYR A 134 -1.35 5.60 -6.62
N THR A 135 -1.12 6.89 -6.85
CA THR A 135 0.18 7.38 -7.28
C THR A 135 1.29 6.98 -6.30
N SER A 136 1.06 7.25 -5.01
CA SER A 136 2.03 6.93 -3.97
C SER A 136 2.32 5.43 -3.87
N LEU A 137 1.26 4.63 -3.94
CA LEU A 137 1.37 3.19 -3.85
C LEU A 137 2.10 2.61 -5.06
N PHE A 138 1.67 3.00 -6.25
CA PHE A 138 2.27 2.51 -7.48
C PHE A 138 3.78 2.74 -7.48
N ILE A 139 4.19 3.94 -7.07
CA ILE A 139 5.60 4.31 -7.03
C ILE A 139 6.38 3.62 -5.92
N LYS A 140 5.72 3.43 -4.77
CA LYS A 140 6.33 2.76 -3.62
C LYS A 140 6.85 1.38 -3.99
N THR A 141 5.95 0.56 -4.50
CA THR A 141 6.27 -0.80 -4.92
C THR A 141 7.46 -0.79 -5.86
N ARG A 142 7.24 -0.26 -7.06
CA ARG A 142 8.28 -0.19 -8.09
C ARG A 142 9.62 0.28 -7.55
N ILE A 143 9.64 1.25 -6.64
CA ILE A 143 10.90 1.74 -6.11
C ILE A 143 11.57 0.73 -5.18
N ARG A 144 10.88 0.43 -4.08
CA ARG A 144 11.38 -0.49 -3.07
C ARG A 144 12.12 -1.69 -3.63
N ASN A 145 11.47 -2.42 -4.54
CA ASN A 145 12.05 -3.61 -5.11
C ASN A 145 12.83 -3.44 -6.42
N ASN A 146 12.95 -2.20 -6.92
CA ASN A 146 13.65 -2.00 -8.18
C ASN A 146 14.76 -0.95 -8.18
N TRP A 147 14.87 -0.16 -7.11
CA TRP A 147 15.89 0.88 -7.05
C TRP A 147 17.26 0.41 -6.59
N LYS A 148 17.31 -0.49 -5.61
CA LYS A 148 18.58 -1.00 -5.12
C LYS A 148 19.37 -1.66 -6.25
N GLU A 149 18.73 -2.59 -6.95
CA GLU A 149 19.37 -3.31 -8.05
C GLU A 149 19.66 -2.43 -9.25
N HIS A 150 18.73 -1.51 -9.58
CA HIS A 150 18.90 -0.62 -10.72
C HIS A 150 19.93 0.47 -10.47
N ASN A 151 20.38 0.57 -9.21
CA ASN A 151 21.39 1.54 -8.81
C ASN A 151 20.95 3.00 -8.72
N ARG A 152 19.66 3.25 -8.54
CA ARG A 152 19.19 4.63 -8.43
C ARG A 152 18.91 5.00 -6.98
N SER A 153 18.76 6.29 -6.73
CA SER A 153 18.49 6.80 -5.39
C SER A 153 18.06 8.27 -5.50
N TRP A 154 17.71 8.86 -4.36
CA TRP A 154 17.30 10.26 -4.34
C TRP A 154 18.47 11.20 -4.52
N ASP A 155 19.65 10.79 -4.06
CA ASP A 155 20.85 11.60 -4.18
C ASP A 155 21.21 11.67 -5.66
N ASP A 156 21.24 10.51 -6.29
CA ASP A 156 21.55 10.41 -7.71
C ASP A 156 20.49 11.23 -8.46
N PHE A 157 19.29 11.27 -7.88
CA PHE A 157 18.16 12.02 -8.44
C PHE A 157 18.47 13.51 -8.50
N MSE A 158 18.90 14.06 -7.37
CA MSE A 158 19.21 15.48 -7.29
C MSE A 158 20.29 15.91 -8.27
O MSE A 158 20.22 16.99 -8.87
CB MSE A 158 19.61 15.85 -5.86
CG MSE A 158 18.49 15.72 -4.85
SE MSE A 158 16.97 16.85 -5.28
CE MSE A 158 17.39 18.42 -4.24
N THR A 159 21.30 15.07 -8.43
CA THR A 159 22.40 15.36 -9.34
C THR A 159 21.86 15.52 -10.76
N LEU A 160 21.14 14.51 -11.23
CA LEU A 160 20.55 14.54 -12.57
C LEU A 160 19.53 15.68 -12.67
N GLY A 161 18.80 15.90 -11.59
CA GLY A 161 17.80 16.95 -11.57
C GLY A 161 18.34 18.35 -11.83
N LYS A 162 19.32 18.77 -11.04
CA LYS A 162 19.90 20.10 -11.20
C LYS A 162 20.39 20.29 -12.63
N GLN A 163 20.88 19.22 -13.23
CA GLN A 163 21.36 19.29 -14.61
C GLN A 163 20.19 19.60 -15.53
N MSE A 164 19.09 18.88 -15.34
CA MSE A 164 17.89 19.10 -16.16
C MSE A 164 17.26 20.46 -15.88
O MSE A 164 16.71 21.10 -16.77
CB MSE A 164 16.87 18.00 -15.91
CG MSE A 164 17.31 16.64 -16.38
SE MSE A 164 15.93 15.31 -16.16
CE MSE A 164 14.73 15.93 -17.55
N LYS A 165 17.35 20.90 -14.62
CA LYS A 165 16.80 22.19 -14.25
C LYS A 165 17.52 23.29 -15.00
N GLU A 166 18.85 23.19 -15.05
CA GLU A 166 19.67 24.18 -15.74
C GLU A 166 19.44 24.17 -17.25
N ASP A 167 19.40 22.99 -17.85
CA ASP A 167 19.17 22.88 -19.29
C ASP A 167 17.89 23.63 -19.66
N TYR A 168 16.82 23.30 -18.93
CA TYR A 168 15.52 23.93 -19.16
C TYR A 168 15.62 25.44 -19.09
N GLU A 169 16.17 25.93 -17.98
CA GLU A 169 16.32 27.37 -17.77
C GLU A 169 17.05 28.02 -18.95
N ARG A 170 18.22 27.50 -19.29
CA ARG A 170 19.01 28.02 -20.39
C ARG A 170 18.25 27.91 -21.71
N ALA A 171 17.59 26.78 -21.90
CA ALA A 171 16.82 26.53 -23.11
C ALA A 171 15.71 27.57 -23.29
N GLU A 172 14.91 27.76 -22.24
CA GLU A 172 13.80 28.71 -22.27
C GLU A 172 14.28 30.15 -22.35
N ALA A 173 15.52 30.37 -21.94
CA ALA A 173 16.12 31.70 -21.96
C ALA A 173 16.78 31.94 -23.31
N GLU A 174 16.70 30.95 -24.21
CA GLU A 174 17.31 31.07 -25.53
C GLU A 174 16.31 31.40 -26.63
N LYS A 175 16.78 31.62 -27.78
N GLU B 8 13.22 -13.86 17.96
CA GLU B 8 14.07 -12.88 17.22
C GLU B 8 13.29 -11.60 16.94
N PRO B 9 13.83 -10.45 17.36
CA PRO B 9 13.24 -9.12 17.18
C PRO B 9 12.63 -8.88 15.81
N ARG B 10 13.33 -9.30 14.77
CA ARG B 10 12.84 -9.13 13.40
C ARG B 10 11.56 -9.92 13.16
N LEU B 11 11.32 -10.92 14.00
CA LEU B 11 10.15 -11.77 13.86
C LEU B 11 8.98 -11.53 14.82
N ASP B 12 8.96 -10.38 15.50
CA ASP B 12 7.85 -10.08 16.42
C ASP B 12 6.57 -10.35 15.64
N ILE B 13 5.58 -10.97 16.29
CA ILE B 13 4.33 -11.25 15.59
C ILE B 13 3.64 -9.99 15.09
N GLU B 14 3.81 -8.88 15.83
CA GLU B 14 3.20 -7.62 15.42
C GLU B 14 3.61 -7.30 13.98
N GLY B 15 4.87 -7.56 13.67
CA GLY B 15 5.40 -7.28 12.34
C GLY B 15 4.65 -8.01 11.24
N PHE B 16 4.36 -9.29 11.46
CA PHE B 16 3.62 -10.07 10.48
C PHE B 16 2.23 -9.52 10.27
N VAL B 17 1.58 -9.17 11.37
CA VAL B 17 0.22 -8.68 11.29
C VAL B 17 0.16 -7.39 10.48
N VAL B 18 1.00 -6.42 10.85
CA VAL B 18 1.05 -5.13 10.18
C VAL B 18 1.34 -5.29 8.70
N ASP B 19 2.36 -6.07 8.39
CA ASP B 19 2.73 -6.29 7.00
C ASP B 19 1.62 -6.91 6.19
N TYR B 20 0.92 -7.88 6.76
CA TYR B 20 -0.13 -8.51 6.00
C TYR B 20 -1.33 -7.61 5.81
N PHE B 21 -1.71 -6.89 6.86
CA PHE B 21 -2.85 -5.98 6.81
C PHE B 21 -2.58 -4.94 5.73
N THR B 22 -1.38 -4.37 5.77
CA THR B 22 -0.93 -3.38 4.81
C THR B 22 -1.08 -3.93 3.41
N HIS B 23 -0.43 -5.07 3.17
CA HIS B 23 -0.47 -5.73 1.88
C HIS B 23 -1.88 -5.97 1.36
N ARG B 24 -2.73 -6.57 2.19
CA ARG B 24 -4.10 -6.88 1.80
C ARG B 24 -4.90 -5.64 1.48
N ILE B 25 -4.74 -4.60 2.30
CA ILE B 25 -5.48 -3.35 2.10
C ILE B 25 -5.11 -2.72 0.76
N ARG B 26 -3.85 -2.87 0.38
CA ARG B 26 -3.34 -2.32 -0.87
C ARG B 26 -3.89 -3.03 -2.11
N GLN B 27 -4.41 -4.24 -1.95
CA GLN B 27 -4.93 -4.98 -3.09
C GLN B 27 -5.83 -4.17 -4.01
N ASN B 28 -6.65 -3.30 -3.43
CA ASN B 28 -7.55 -2.50 -4.25
C ASN B 28 -7.15 -1.03 -4.28
N GLY B 29 -5.87 -0.78 -4.04
CA GLY B 29 -5.36 0.57 -4.07
C GLY B 29 -5.56 1.44 -2.84
N MSE B 30 -5.81 0.84 -1.68
CA MSE B 30 -5.97 1.62 -0.47
C MSE B 30 -4.68 1.54 0.33
O MSE B 30 -3.88 0.61 0.13
CB MSE B 30 -7.16 1.12 0.35
CG MSE B 30 -8.48 1.28 -0.38
SE MSE B 30 -10.05 0.84 0.65
CE MSE B 30 -11.00 2.50 0.38
N GLU B 31 -4.46 2.51 1.21
CA GLU B 31 -3.24 2.53 2.01
C GLU B 31 -3.47 2.78 3.49
N TRP B 32 -2.89 1.94 4.33
CA TRP B 32 -3.02 2.11 5.77
C TRP B 32 -1.87 2.98 6.25
N PHE B 33 -2.12 4.29 6.31
CA PHE B 33 -1.10 5.23 6.75
C PHE B 33 -0.87 5.09 8.25
N GLY B 34 -1.91 4.65 8.97
CA GLY B 34 -1.77 4.47 10.40
C GLY B 34 -0.91 3.26 10.76
N ALA B 35 -0.65 2.42 9.77
CA ALA B 35 0.16 1.23 9.98
C ALA B 35 1.47 1.53 10.71
N PRO B 36 1.68 0.90 11.88
CA PRO B 36 2.92 1.16 12.62
C PRO B 36 4.13 0.67 11.82
N GLY B 37 5.31 1.17 12.17
CA GLY B 37 6.52 0.79 11.45
C GLY B 37 7.08 -0.58 11.72
N LEU B 38 7.84 -1.08 10.75
CA LEU B 38 8.50 -2.37 10.86
C LEU B 38 9.97 -2.07 11.16
N PRO B 39 10.39 -2.26 12.43
CA PRO B 39 11.77 -2.00 12.87
C PRO B 39 12.85 -2.55 11.95
N SER B 40 12.74 -3.82 11.57
CA SER B 40 13.74 -4.43 10.72
C SER B 40 13.29 -4.47 9.26
N GLY B 41 12.14 -3.87 8.98
CA GLY B 41 11.61 -3.86 7.62
C GLY B 41 10.95 -5.17 7.24
N VAL B 42 10.54 -5.28 5.98
CA VAL B 42 9.90 -6.48 5.47
C VAL B 42 10.87 -7.65 5.44
N GLN B 43 10.48 -8.75 6.06
CA GLN B 43 11.32 -9.94 6.10
C GLN B 43 10.82 -10.98 5.10
N PRO B 44 11.68 -11.96 4.76
CA PRO B 44 11.24 -12.98 3.80
C PRO B 44 10.06 -13.76 4.38
N GLU B 45 9.97 -13.82 5.71
CA GLU B 45 8.87 -14.50 6.37
C GLU B 45 7.56 -13.73 6.13
N HIS B 46 7.63 -12.40 6.05
CA HIS B 46 6.44 -11.60 5.80
C HIS B 46 5.97 -11.86 4.39
N GLU B 47 6.91 -11.85 3.46
CA GLU B 47 6.61 -12.06 2.06
C GLU B 47 5.96 -13.43 1.90
N MSE B 48 6.43 -14.41 2.66
CA MSE B 48 5.83 -15.74 2.57
C MSE B 48 4.41 -15.65 3.13
O MSE B 48 3.46 -16.15 2.51
CB MSE B 48 6.65 -16.75 3.38
CG MSE B 48 6.08 -18.17 3.37
SE MSE B 48 6.02 -19.04 1.63
CE MSE B 48 7.81 -19.77 1.70
N MSE B 49 4.24 -14.99 4.28
CA MSE B 49 2.92 -14.84 4.89
C MSE B 49 1.91 -14.16 3.98
O MSE B 49 0.73 -14.48 4.01
CB MSE B 49 3.01 -14.03 6.21
CG MSE B 49 1.67 -13.93 6.95
SE MSE B 49 0.95 -15.63 7.51
CE MSE B 49 2.10 -15.90 9.04
N ARG B 50 2.37 -13.23 3.16
CA ARG B 50 1.46 -12.57 2.21
C ARG B 50 0.98 -13.64 1.24
N VAL B 51 1.88 -14.50 0.80
CA VAL B 51 1.54 -15.57 -0.13
C VAL B 51 0.53 -16.52 0.52
N MSE B 52 0.83 -16.94 1.74
CA MSE B 52 -0.02 -17.85 2.48
C MSE B 52 -1.40 -17.24 2.72
O MSE B 52 -2.43 -17.89 2.53
CB MSE B 52 0.63 -18.22 3.80
CG MSE B 52 1.96 -18.92 3.67
SE MSE B 52 1.78 -20.72 3.01
CE MSE B 52 1.78 -20.39 1.10
N GLY B 53 -1.42 -16.00 3.17
CA GLY B 53 -2.69 -15.34 3.44
C GLY B 53 -3.55 -15.20 2.19
N THR B 54 -2.92 -14.89 1.07
CA THR B 54 -3.66 -14.76 -0.17
C THR B 54 -4.39 -16.05 -0.52
N ILE B 55 -3.66 -17.16 -0.46
CA ILE B 55 -4.25 -18.45 -0.80
C ILE B 55 -5.33 -18.86 0.19
N PHE B 56 -5.09 -18.63 1.47
CA PHE B 56 -6.06 -19.02 2.47
C PHE B 56 -7.39 -18.33 2.21
N GLU B 57 -7.34 -17.03 1.91
CA GLU B 57 -8.56 -16.27 1.65
C GLU B 57 -9.34 -16.88 0.50
N LYS B 58 -8.65 -17.22 -0.59
CA LYS B 58 -9.30 -17.84 -1.74
C LYS B 58 -10.05 -19.10 -1.32
N LYS B 59 -9.45 -19.87 -0.43
CA LYS B 59 -10.04 -21.11 0.06
C LYS B 59 -11.23 -20.88 0.99
N HIS B 60 -11.20 -19.75 1.70
CA HIS B 60 -12.27 -19.45 2.64
C HIS B 60 -12.97 -18.14 2.36
N ALA B 61 -13.12 -17.79 1.09
CA ALA B 61 -13.76 -16.53 0.70
C ALA B 61 -15.17 -16.34 1.26
N GLU B 62 -16.04 -17.31 1.00
CA GLU B 62 -17.42 -17.25 1.48
C GLU B 62 -17.46 -17.13 3.01
N ASN B 63 -16.67 -17.97 3.68
CA ASN B 63 -16.59 -17.96 5.13
C ASN B 63 -16.12 -16.59 5.65
N PHE B 64 -15.13 -16.01 4.98
CA PHE B 64 -14.61 -14.71 5.39
C PHE B 64 -15.73 -13.68 5.24
N GLU B 65 -16.30 -13.60 4.05
CA GLU B 65 -17.40 -12.68 3.77
C GLU B 65 -18.44 -12.69 4.87
N THR B 66 -18.87 -13.91 5.22
CA THR B 66 -19.87 -14.11 6.24
C THR B 66 -19.48 -13.61 7.61
N PHE B 67 -18.36 -14.12 8.11
CA PHE B 67 -17.90 -13.74 9.44
C PHE B 67 -17.34 -12.34 9.64
N SER B 68 -16.82 -11.73 8.58
CA SER B 68 -16.27 -10.39 8.72
C SER B 68 -17.39 -9.39 9.02
N GLU B 69 -18.60 -9.70 8.57
CA GLU B 69 -19.74 -8.82 8.81
C GLU B 69 -20.00 -8.63 10.30
N GLN B 70 -19.69 -9.66 11.09
CA GLN B 70 -19.89 -9.58 12.52
C GLN B 70 -18.94 -8.56 13.16
N LEU B 71 -17.88 -8.21 12.45
CA LEU B 71 -16.93 -7.22 12.94
C LEU B 71 -17.19 -5.88 12.26
N LEU B 72 -17.97 -5.91 11.19
CA LEU B 72 -18.28 -4.70 10.43
C LEU B 72 -19.68 -4.16 10.75
N ALA B 73 -20.53 -4.99 11.35
CA ALA B 73 -21.88 -4.59 11.70
C ALA B 73 -21.92 -3.74 12.98
N VAL B 74 -20.73 -3.38 13.49
CA VAL B 74 -20.63 -2.60 14.71
C VAL B 74 -19.67 -1.43 14.49
N PRO B 75 -19.91 -0.30 15.18
CA PRO B 75 -19.05 0.88 15.05
C PRO B 75 -17.73 0.75 15.80
N ARG B 76 -17.72 -0.09 16.82
CA ARG B 76 -16.52 -0.32 17.63
C ARG B 76 -16.38 -1.79 17.93
N ILE B 77 -15.27 -2.38 17.53
CA ILE B 77 -15.06 -3.80 17.82
C ILE B 77 -14.41 -3.90 19.18
N SER B 78 -14.53 -5.07 19.81
CA SER B 78 -13.92 -5.29 21.12
C SER B 78 -13.20 -6.63 21.07
N PHE B 79 -12.27 -6.85 22.00
CA PHE B 79 -11.51 -8.09 22.05
C PHE B 79 -12.39 -9.30 22.31
N SER B 80 -13.35 -9.17 23.23
CA SER B 80 -14.24 -10.28 23.51
C SER B 80 -15.09 -10.57 22.27
N LEU B 81 -15.38 -9.53 21.49
CA LEU B 81 -16.17 -9.70 20.27
C LEU B 81 -15.27 -10.39 19.24
N TYR B 82 -14.02 -9.93 19.16
CA TYR B 82 -13.05 -10.48 18.23
C TYR B 82 -12.90 -11.98 18.49
N GLN B 83 -12.67 -12.32 19.75
CA GLN B 83 -12.50 -13.72 20.14
C GLN B 83 -13.66 -14.61 19.75
N ASP B 84 -14.89 -14.10 19.86
CA ASP B 84 -16.05 -14.90 19.50
C ASP B 84 -16.10 -15.14 18.00
N VAL B 85 -15.91 -14.08 17.22
CA VAL B 85 -15.93 -14.18 15.77
C VAL B 85 -14.87 -15.16 15.23
N VAL B 86 -13.69 -15.13 15.83
CA VAL B 86 -12.62 -16.00 15.38
C VAL B 86 -12.77 -17.45 15.84
N ARG B 87 -13.66 -17.70 16.79
CA ARG B 87 -13.87 -19.07 17.25
C ARG B 87 -14.32 -19.96 16.11
N THR B 88 -14.59 -19.36 14.96
CA THR B 88 -15.03 -20.11 13.78
C THR B 88 -14.60 -19.46 12.47
N VAL B 89 -13.32 -19.13 12.34
CA VAL B 89 -12.84 -18.53 11.10
C VAL B 89 -11.70 -19.30 10.43
N GLY B 90 -10.51 -19.25 11.03
CA GLY B 90 -9.37 -19.94 10.45
C GLY B 90 -9.32 -21.41 10.81
N ASN B 91 -10.31 -22.17 10.33
CA ASN B 91 -10.40 -23.59 10.63
C ASN B 91 -10.35 -23.71 12.15
N ALA B 92 -11.39 -23.20 12.78
CA ALA B 92 -11.49 -23.22 14.22
C ALA B 92 -11.61 -24.63 14.77
N GLN B 93 -11.57 -24.72 16.09
CA GLN B 93 -11.67 -25.98 16.80
C GLN B 93 -12.39 -25.68 18.10
N THR B 94 -12.79 -26.73 18.81
CA THR B 94 -13.48 -26.54 20.09
C THR B 94 -12.49 -25.86 21.02
N ASP B 95 -11.23 -26.28 20.96
CA ASP B 95 -10.17 -25.71 21.78
C ASP B 95 -9.55 -24.52 21.04
N GLN B 96 -9.58 -23.35 21.66
CA GLN B 96 -9.02 -22.16 21.04
C GLN B 96 -7.49 -22.20 21.01
N SER B 97 -7.00 -23.42 20.80
CA SER B 97 -5.57 -23.70 20.69
C SER B 97 -5.48 -25.16 20.20
N PRO B 98 -4.29 -25.61 19.77
CA PRO B 98 -3.06 -24.83 19.75
C PRO B 98 -3.03 -23.77 18.65
N MSE B 99 -1.86 -23.62 18.06
CA MSE B 99 -1.66 -22.64 17.01
C MSE B 99 -0.89 -23.32 15.88
O MSE B 99 0.33 -23.23 15.81
CB MSE B 99 -0.87 -21.45 17.57
CG MSE B 99 -0.56 -20.31 16.60
SE MSE B 99 -2.08 -19.25 16.00
CE MSE B 99 -2.73 -18.65 17.69
N SER B 100 -1.61 -24.04 15.02
CA SER B 100 -0.96 -24.69 13.89
C SER B 100 -0.58 -23.59 12.91
N TYR B 101 0.29 -23.90 11.95
CA TYR B 101 0.68 -22.91 10.95
C TYR B 101 -0.56 -22.53 10.16
N GLY B 102 -1.42 -23.51 9.93
CA GLY B 102 -2.64 -23.29 9.20
C GLY B 102 -3.55 -22.28 9.90
N ARG B 103 -3.68 -22.38 11.22
CA ARG B 103 -4.55 -21.45 11.93
C ARG B 103 -3.92 -20.06 12.03
N LEU B 104 -2.61 -20.01 12.23
CA LEU B 104 -1.90 -18.72 12.30
C LEU B 104 -2.14 -17.95 11.00
N ILE B 105 -1.95 -18.64 9.90
CA ILE B 105 -2.16 -18.04 8.59
C ILE B 105 -3.63 -17.61 8.47
N GLY B 106 -4.52 -18.51 8.91
CA GLY B 106 -5.94 -18.22 8.84
C GLY B 106 -6.33 -16.94 9.56
N LEU B 107 -5.81 -16.75 10.77
CA LEU B 107 -6.12 -15.56 11.57
C LEU B 107 -5.64 -14.26 10.94
N ILE B 108 -4.40 -14.29 10.45
CA ILE B 108 -3.81 -13.11 9.84
C ILE B 108 -4.53 -12.79 8.53
N SER B 109 -4.77 -13.83 7.73
CA SER B 109 -5.48 -13.68 6.47
C SER B 109 -6.85 -13.07 6.74
N PHE B 110 -7.57 -13.60 7.72
CA PHE B 110 -8.90 -13.08 8.03
C PHE B 110 -8.77 -11.61 8.45
N GLY B 111 -7.80 -11.33 9.30
CA GLY B 111 -7.59 -9.98 9.77
C GLY B 111 -7.37 -8.99 8.63
N GLY B 112 -6.47 -9.32 7.70
CA GLY B 112 -6.21 -8.43 6.58
C GLY B 112 -7.46 -8.22 5.75
N PHE B 113 -8.23 -9.28 5.58
CA PHE B 113 -9.47 -9.21 4.81
C PHE B 113 -10.44 -8.22 5.48
N VAL B 114 -10.66 -8.37 6.78
CA VAL B 114 -11.56 -7.48 7.50
C VAL B 114 -11.04 -6.05 7.47
N ALA B 115 -9.73 -5.89 7.69
CA ALA B 115 -9.12 -4.57 7.68
C ALA B 115 -9.35 -3.88 6.34
N ALA B 116 -9.29 -4.66 5.26
CA ALA B 116 -9.48 -4.13 3.92
C ALA B 116 -10.91 -3.60 3.80
N LYS B 117 -11.86 -4.35 4.34
CA LYS B 117 -13.26 -3.94 4.31
C LYS B 117 -13.49 -2.70 5.17
N MSE B 118 -12.72 -2.56 6.23
CA MSE B 118 -12.86 -1.39 7.10
C MSE B 118 -12.34 -0.16 6.39
O MSE B 118 -12.96 0.91 6.47
CB MSE B 118 -12.12 -1.59 8.41
CG MSE B 118 -12.65 -2.72 9.25
SE MSE B 118 -11.62 -3.01 10.85
CE MSE B 118 -12.98 -3.91 11.91
N MSE B 119 -11.22 -0.29 5.70
CA MSE B 119 -10.62 0.82 4.98
C MSE B 119 -11.53 1.42 3.91
O MSE B 119 -11.43 2.60 3.60
CB MSE B 119 -9.30 0.39 4.32
CG MSE B 119 -8.16 0.20 5.30
SE MSE B 119 -7.86 1.79 6.35
CE MSE B 119 -6.12 2.27 5.73
N GLU B 120 -12.42 0.60 3.35
CA GLU B 120 -13.33 1.09 2.34
C GLU B 120 -14.59 1.58 3.03
N SER B 121 -14.41 2.08 4.24
CA SER B 121 -15.51 2.60 5.05
C SER B 121 -15.02 3.74 5.94
N VAL B 122 -15.29 4.97 5.51
CA VAL B 122 -14.88 6.16 6.26
C VAL B 122 -15.12 5.98 7.76
N GLU B 123 -16.28 5.42 8.11
CA GLU B 123 -16.64 5.21 9.51
C GLU B 123 -15.76 4.20 10.24
N LEU B 124 -15.56 3.03 9.64
CA LEU B 124 -14.76 1.96 10.26
C LEU B 124 -13.26 1.98 10.03
N GLN B 125 -12.77 2.88 9.17
CA GLN B 125 -11.34 2.95 8.90
C GLN B 125 -10.55 3.08 10.20
N GLY B 126 -11.20 3.62 11.22
CA GLY B 126 -10.53 3.82 12.50
C GLY B 126 -10.37 2.55 13.32
N GLN B 127 -11.10 1.50 12.96
CA GLN B 127 -11.03 0.23 13.71
C GLN B 127 -9.92 -0.71 13.25
N VAL B 128 -9.17 -0.32 12.23
CA VAL B 128 -8.09 -1.19 11.75
C VAL B 128 -7.03 -1.42 12.83
N ARG B 129 -6.66 -0.36 13.55
CA ARG B 129 -5.66 -0.51 14.60
C ARG B 129 -6.13 -1.49 15.69
N ASN B 130 -7.37 -1.33 16.15
CA ASN B 130 -7.92 -2.23 17.16
C ASN B 130 -7.79 -3.65 16.61
N LEU B 131 -8.29 -3.86 15.40
CA LEU B 131 -8.23 -5.18 14.76
C LEU B 131 -6.79 -5.72 14.78
N PHE B 132 -5.82 -4.86 14.48
CA PHE B 132 -4.40 -5.23 14.49
C PHE B 132 -3.93 -5.64 15.88
N VAL B 133 -4.38 -4.91 16.90
CA VAL B 133 -3.99 -5.18 18.28
C VAL B 133 -4.56 -6.52 18.74
N TYR B 134 -5.84 -6.72 18.46
CA TYR B 134 -6.52 -7.94 18.86
C TYR B 134 -5.90 -9.16 18.16
N THR B 135 -5.61 -9.02 16.88
CA THR B 135 -5.02 -10.14 16.13
C THR B 135 -3.67 -10.57 16.68
N SER B 136 -2.75 -9.61 16.85
CA SER B 136 -1.42 -9.92 17.36
C SER B 136 -1.44 -10.42 18.80
N LEU B 137 -2.37 -9.90 19.60
CA LEU B 137 -2.46 -10.33 21.00
C LEU B 137 -2.92 -11.78 21.04
N PHE B 138 -4.00 -12.08 20.31
CA PHE B 138 -4.56 -13.42 20.26
C PHE B 138 -3.53 -14.45 19.83
N ILE B 139 -2.76 -14.13 18.80
CA ILE B 139 -1.73 -15.03 18.32
C ILE B 139 -0.60 -15.13 19.33
N LYS B 140 -0.21 -13.97 19.84
CA LYS B 140 0.87 -13.82 20.82
C LYS B 140 0.68 -14.76 22.01
N THR B 141 -0.51 -14.74 22.56
CA THR B 141 -0.84 -15.57 23.72
C THR B 141 -0.64 -17.06 23.47
N ARG B 142 -0.93 -17.49 22.25
CA ARG B 142 -0.82 -18.91 21.91
C ARG B 142 0.54 -19.40 21.43
N ILE B 143 1.33 -18.53 20.83
CA ILE B 143 2.66 -18.92 20.39
C ILE B 143 3.53 -19.15 21.63
N ARG B 144 3.27 -18.37 22.68
CA ARG B 144 4.03 -18.47 23.92
C ARG B 144 3.79 -19.79 24.65
N ASN B 145 2.87 -20.61 24.14
CA ASN B 145 2.56 -21.88 24.80
C ASN B 145 2.71 -23.09 23.88
N ASN B 146 2.01 -23.04 22.76
CA ASN B 146 1.96 -24.12 21.78
C ASN B 146 3.20 -24.39 20.94
N TRP B 147 3.94 -23.36 20.59
CA TRP B 147 5.12 -23.52 19.76
C TRP B 147 6.30 -24.21 20.45
N LYS B 148 6.51 -23.90 21.73
CA LYS B 148 7.60 -24.51 22.48
C LYS B 148 7.37 -25.99 22.72
N GLU B 149 6.12 -26.40 22.80
CA GLU B 149 5.76 -27.80 23.05
C GLU B 149 5.54 -28.63 21.78
N HIS B 150 5.25 -27.96 20.67
CA HIS B 150 5.00 -28.65 19.40
C HIS B 150 6.21 -28.67 18.45
N ASN B 151 7.30 -28.06 18.91
CA ASN B 151 8.54 -28.01 18.12
C ASN B 151 8.34 -27.28 16.81
N ARG B 152 7.57 -26.21 16.84
CA ARG B 152 7.31 -25.43 15.66
C ARG B 152 8.25 -24.21 15.66
N SER B 153 8.55 -23.68 14.48
CA SER B 153 9.43 -22.52 14.36
C SER B 153 9.15 -21.74 13.07
N TRP B 154 9.76 -20.57 12.92
CA TRP B 154 9.54 -19.79 11.71
C TRP B 154 10.30 -20.43 10.56
N ASP B 155 11.33 -21.20 10.90
CA ASP B 155 12.13 -21.89 9.91
C ASP B 155 11.28 -22.97 9.22
N ASP B 156 10.50 -23.70 10.02
CA ASP B 156 9.61 -24.74 9.49
C ASP B 156 8.50 -24.10 8.67
N PHE B 157 8.02 -22.96 9.15
CA PHE B 157 6.96 -22.22 8.45
C PHE B 157 7.40 -21.95 7.01
N MSE B 158 8.66 -21.54 6.86
CA MSE B 158 9.21 -21.25 5.54
C MSE B 158 9.31 -22.53 4.71
O MSE B 158 8.94 -22.55 3.54
CB MSE B 158 10.60 -20.61 5.68
CG MSE B 158 10.58 -19.20 6.26
SE MSE B 158 9.71 -17.99 5.04
CE MSE B 158 11.08 -17.89 3.70
N THR B 159 9.81 -23.60 5.31
CA THR B 159 9.95 -24.87 4.59
C THR B 159 8.58 -25.36 4.13
N LEU B 160 7.62 -25.38 5.04
CA LEU B 160 6.25 -25.82 4.73
C LEU B 160 5.58 -24.83 3.76
N GLY B 161 5.71 -23.55 4.06
CA GLY B 161 5.11 -22.53 3.21
C GLY B 161 5.48 -22.75 1.75
N LYS B 162 6.77 -22.95 1.50
CA LYS B 162 7.23 -23.17 0.13
C LYS B 162 6.46 -24.30 -0.53
N GLN B 163 6.37 -25.43 0.15
CA GLN B 163 5.65 -26.60 -0.37
C GLN B 163 4.18 -26.25 -0.59
N MSE B 164 3.59 -25.59 0.40
CA MSE B 164 2.19 -25.21 0.33
C MSE B 164 1.91 -24.35 -0.90
O MSE B 164 0.91 -24.54 -1.58
CB MSE B 164 1.79 -24.49 1.61
CG MSE B 164 1.78 -25.42 2.82
SE MSE B 164 1.70 -24.53 4.54
CE MSE B 164 -0.04 -23.71 4.39
N LYS B 165 2.81 -23.41 -1.17
CA LYS B 165 2.66 -22.50 -2.31
C LYS B 165 2.69 -23.26 -3.64
N GLU B 166 3.68 -24.15 -3.78
CA GLU B 166 3.81 -24.93 -5.00
C GLU B 166 2.70 -25.97 -5.11
N ASP B 167 2.24 -26.51 -3.98
CA ASP B 167 1.16 -27.49 -4.01
C ASP B 167 -0.11 -26.81 -4.52
N TYR B 168 -0.35 -25.61 -4.03
CA TYR B 168 -1.51 -24.84 -4.43
C TYR B 168 -1.52 -24.52 -5.92
N GLU B 169 -0.37 -24.07 -6.43
CA GLU B 169 -0.26 -23.71 -7.83
C GLU B 169 -0.47 -24.92 -8.73
N ARG B 170 0.11 -26.06 -8.37
CA ARG B 170 -0.06 -27.28 -9.15
C ARG B 170 -1.55 -27.55 -9.22
N ALA B 171 -2.19 -27.57 -8.05
CA ALA B 171 -3.62 -27.81 -7.97
C ALA B 171 -4.38 -26.88 -8.92
N GLU B 172 -4.06 -25.59 -8.91
CA GLU B 172 -4.74 -24.64 -9.79
C GLU B 172 -4.49 -24.97 -11.25
N ALA B 173 -3.24 -25.21 -11.60
CA ALA B 173 -2.86 -25.55 -12.97
C ALA B 173 -3.70 -26.72 -13.45
N GLU B 174 -3.88 -27.71 -12.59
CA GLU B 174 -4.66 -28.89 -12.93
C GLU B 174 -6.16 -28.59 -12.97
N LYS B 175 -6.55 -27.39 -12.57
CA LYS B 175 -7.96 -27.01 -12.59
C LYS B 175 -8.36 -26.56 -13.99
#